data_1AI1
#
_entry.id   1AI1
#
_cell.length_a   89.930
_cell.length_b   154.430
_cell.length_c   121.460
_cell.angle_alpha   90.00
_cell.angle_beta   90.00
_cell.angle_gamma   90.00
#
_symmetry.space_group_name_H-M   'C 2 2 21'
#
loop_
_entity.id
_entity.type
_entity.pdbx_description
1 polymer 'IGG1-KAPPA 59.1 FAB (LIGHT CHAIN)'
2 polymer 'IGG1-KAPPA 59.1 FAB (HEAVY CHAIN)'
3 polymer AIB142
#
loop_
_entity_poly.entity_id
_entity_poly.type
_entity_poly.pdbx_seq_one_letter_code
_entity_poly.pdbx_strand_id
1 'polypeptide(L)'
;DIVMTQSPASLVVSLGQRATISCRASESVDSYGKSFMHWYQQKPGQPPKVLIYIASNLESGVPARFSGSGSRTDFTLTID
PVEADDAATYYCQQNNEDPPTFGAGTKLEMRRADAAPTVSIFPPSSEQLTSGGASVVCFLNNFYPKDINVKWKIDGSERQ
NGVLNSWTDQDSKDSTYSMSSTLTLTKDEYERHNSYTCEATHKTSTSPIVKSFNR
;
L
2 'polypeptide(L)'
;QVKLQESGPAVIKPSQSLSLTCIVSGFSITRTNYCWHWIRQAPGKGLEWMGRICYEGSIYYSPSIKSRSTISRDTSLNKF
FIQLISVTNEDTAMYYCSRENHMYETYFDVWGQGTTVTVSSAKTTPPSVYPLAPGSAAQTNSMVTLGCLVKGYFPEPVTV
TWNSGSLSSGVHTFPAVLQSDLYTLSSSVTVPSSPRPSETVTCNVAHPASSTKVDKKIVPR
;
H
3 'polypeptide(L)' YNKRKRIHIGPGR(AIB)FYTTKNIIGC P
#
# COMPACT_ATOMS: atom_id res chain seq x y z
N ASP A 1 24.27 -13.15 11.02
CA ASP A 1 22.89 -13.12 11.57
C ASP A 1 22.16 -14.26 10.94
N ILE A 2 21.00 -14.61 11.48
CA ILE A 2 20.26 -15.68 10.91
C ILE A 2 19.51 -15.09 9.75
N VAL A 3 19.72 -15.69 8.60
CA VAL A 3 19.09 -15.25 7.39
C VAL A 3 17.84 -16.10 7.23
N MET A 4 16.71 -15.47 7.00
CA MET A 4 15.51 -16.23 6.85
C MET A 4 15.19 -16.26 5.37
N THR A 5 15.00 -17.44 4.82
CA THR A 5 14.68 -17.57 3.41
C THR A 5 13.29 -18.17 3.23
N GLN A 6 12.40 -17.43 2.56
CA GLN A 6 11.05 -17.88 2.32
C GLN A 6 10.88 -18.45 0.96
N SER A 7 9.94 -19.38 0.87
CA SER A 7 9.67 -20.04 -0.37
C SER A 7 8.23 -20.52 -0.33
N PRO A 8 7.46 -20.35 -1.39
CA PRO A 8 7.79 -19.71 -2.67
C PRO A 8 7.88 -18.21 -2.54
N ALA A 9 8.37 -17.57 -3.59
CA ALA A 9 8.48 -16.13 -3.63
C ALA A 9 7.11 -15.54 -3.97
N SER A 10 6.21 -16.34 -4.52
CA SER A 10 4.87 -15.85 -4.79
C SER A 10 4.13 -17.03 -5.33
N LEU A 11 2.82 -17.05 -5.16
CA LEU A 11 2.04 -18.17 -5.64
C LEU A 11 0.61 -17.78 -5.84
N VAL A 12 -0.09 -18.50 -6.71
CA VAL A 12 -1.48 -18.22 -6.99
C VAL A 12 -2.21 -19.45 -6.52
N VAL A 13 -2.96 -19.34 -5.44
CA VAL A 13 -3.65 -20.50 -4.93
C VAL A 13 -5.11 -20.21 -5.14
N SER A 14 -5.87 -21.23 -5.46
CA SER A 14 -7.28 -21.06 -5.74
C SER A 14 -8.15 -21.09 -4.50
N LEU A 15 -9.20 -20.29 -4.48
CA LEU A 15 -10.12 -20.24 -3.33
C LEU A 15 -10.52 -21.62 -2.85
N GLY A 16 -10.53 -21.82 -1.54
CA GLY A 16 -10.90 -23.13 -1.01
C GLY A 16 -9.70 -24.03 -0.91
N GLN A 17 -8.73 -23.84 -1.80
CA GLN A 17 -7.53 -24.66 -1.79
C GLN A 17 -6.65 -24.37 -0.62
N ARG A 18 -5.47 -24.94 -0.59
CA ARG A 18 -4.58 -24.69 0.52
C ARG A 18 -3.28 -24.11 -0.01
N ALA A 19 -2.65 -23.28 0.80
CA ALA A 19 -1.42 -22.66 0.40
C ALA A 19 -0.44 -23.01 1.50
N THR A 20 0.75 -23.44 1.12
CA THR A 20 1.80 -23.83 2.08
C THR A 20 3.03 -22.99 1.83
N ILE A 21 3.21 -21.95 2.64
CA ILE A 21 4.35 -21.05 2.55
C ILE A 21 5.34 -21.60 3.58
N SER A 22 6.64 -21.51 3.31
CA SER A 22 7.61 -22.04 4.24
C SER A 22 8.75 -21.07 4.47
N CYS A 23 9.35 -21.13 5.65
CA CYS A 23 10.43 -20.22 6.04
C CYS A 23 11.53 -21.01 6.69
N ARG A 24 12.75 -20.85 6.21
CA ARG A 24 13.87 -21.59 6.74
C ARG A 24 14.96 -20.64 7.26
N ALA A 25 15.62 -21.03 8.37
CA ALA A 25 16.64 -20.18 8.98
C ALA A 25 18.00 -20.78 8.84
N SER A 26 19.02 -19.95 8.65
CA SER A 26 20.38 -20.49 8.50
C SER A 26 20.92 -21.15 9.75
N GLU A 27 20.36 -20.76 10.88
CA GLU A 27 20.78 -21.28 12.16
C GLU A 27 19.57 -21.30 13.03
N SER A 28 19.57 -22.25 13.95
CA SER A 28 18.49 -22.46 14.89
C SER A 28 18.02 -21.22 15.58
N VAL A 29 16.73 -21.00 15.52
CA VAL A 29 16.12 -19.89 16.17
C VAL A 29 15.44 -20.40 17.45
N ASP A 30 16.08 -21.39 18.10
CA ASP A 30 15.55 -22.01 19.33
C ASP A 30 16.25 -21.59 20.61
N SER A 31 15.50 -21.55 21.69
CA SER A 31 16.02 -21.23 23.02
C SER A 31 14.87 -21.44 23.99
N TYR A 32 15.17 -21.58 25.27
CA TYR A 32 14.18 -21.83 26.33
C TYR A 32 13.12 -22.83 25.89
N GLY A 33 13.56 -23.75 25.05
CA GLY A 33 12.72 -24.80 24.52
C GLY A 33 11.66 -24.44 23.48
N LYS A 34 11.69 -23.22 22.96
CA LYS A 34 10.71 -22.82 21.94
C LYS A 34 11.44 -22.23 20.73
N SER A 35 10.68 -21.96 19.65
CA SER A 35 11.26 -21.40 18.44
C SER A 35 10.76 -20.00 18.38
N PHE A 36 11.69 -19.06 18.46
CA PHE A 36 11.31 -17.69 18.46
C PHE A 36 11.33 -17.11 17.09
N MET A 37 10.27 -17.44 16.36
CA MET A 37 10.05 -16.97 15.01
C MET A 37 8.54 -16.80 14.89
N HIS A 38 8.10 -15.71 14.27
CA HIS A 38 6.68 -15.44 14.11
C HIS A 38 6.33 -15.23 12.63
N TRP A 39 5.05 -15.10 12.32
CA TRP A 39 4.59 -14.90 10.96
C TRP A 39 3.70 -13.67 10.93
N TYR A 40 3.95 -12.75 10.02
CA TYR A 40 3.14 -11.54 9.88
C TYR A 40 2.43 -11.61 8.55
N GLN A 41 1.45 -10.74 8.38
CA GLN A 41 0.71 -10.66 7.12
C GLN A 41 0.64 -9.18 6.80
N GLN A 42 0.71 -8.78 5.55
CA GLN A 42 0.61 -7.36 5.28
C GLN A 42 -0.27 -7.04 4.10
N LYS A 43 -1.50 -6.63 4.37
CA LYS A 43 -2.35 -6.29 3.26
C LYS A 43 -1.75 -5.00 2.76
N PRO A 44 -2.03 -4.60 1.53
CA PRO A 44 -1.46 -3.35 1.00
C PRO A 44 -1.87 -2.09 1.79
N GLY A 45 -0.90 -1.20 2.01
CA GLY A 45 -1.15 0.03 2.75
C GLY A 45 -1.71 -0.36 4.10
N GLN A 46 -0.92 -1.08 4.86
CA GLN A 46 -1.37 -1.58 6.14
C GLN A 46 -0.12 -2.09 6.81
N PRO A 47 0.07 -1.81 8.09
CA PRO A 47 1.28 -2.30 8.73
C PRO A 47 1.07 -3.80 8.87
N PRO A 48 2.14 -4.60 8.97
CA PRO A 48 1.92 -6.04 9.10
C PRO A 48 1.12 -6.30 10.37
N LYS A 49 0.52 -7.47 10.51
CA LYS A 49 -0.18 -7.78 11.73
C LYS A 49 0.31 -9.16 12.05
N VAL A 50 0.45 -9.48 13.33
CA VAL A 50 0.96 -10.80 13.72
C VAL A 50 -0.11 -11.82 13.42
N LEU A 51 0.28 -12.96 12.90
CA LEU A 51 -0.68 -14.02 12.62
C LEU A 51 -0.37 -15.14 13.59
N ILE A 52 0.89 -15.51 13.65
CA ILE A 52 1.33 -16.62 14.48
C ILE A 52 2.61 -16.27 15.17
N TYR A 53 2.75 -16.62 16.45
CA TYR A 53 3.98 -16.31 17.13
C TYR A 53 4.60 -17.50 17.80
N ILE A 54 5.91 -17.43 18.01
CA ILE A 54 6.66 -18.50 18.62
C ILE A 54 6.34 -19.80 17.91
N ALA A 55 6.44 -19.73 16.60
CA ALA A 55 6.24 -20.89 15.75
C ALA A 55 4.88 -21.52 15.56
N SER A 56 4.13 -21.76 16.60
CA SER A 56 2.84 -22.42 16.39
C SER A 56 1.63 -21.81 17.01
N ASN A 57 1.84 -20.83 17.88
CA ASN A 57 0.75 -20.17 18.57
C ASN A 57 0.04 -19.21 17.67
N LEU A 58 -1.28 -19.14 17.77
CA LEU A 58 -2.08 -18.26 16.95
C LEU A 58 -2.47 -17.02 17.69
N GLU A 59 -2.34 -15.86 17.07
CA GLU A 59 -2.74 -14.65 17.76
C GLU A 59 -4.25 -14.69 17.77
N SER A 60 -4.84 -14.03 18.75
CA SER A 60 -6.27 -13.99 18.86
C SER A 60 -6.78 -13.30 17.64
N GLY A 61 -8.01 -13.58 17.25
CA GLY A 61 -8.56 -12.93 16.09
C GLY A 61 -8.18 -13.61 14.81
N VAL A 62 -7.00 -14.20 14.75
CA VAL A 62 -6.62 -14.87 13.52
C VAL A 62 -7.44 -16.14 13.38
N PRO A 63 -8.08 -16.36 12.21
CA PRO A 63 -8.90 -17.53 11.93
C PRO A 63 -8.13 -18.84 12.11
N ALA A 64 -8.87 -19.92 12.35
CA ALA A 64 -8.29 -21.24 12.58
C ALA A 64 -7.68 -21.95 11.37
N ARG A 65 -7.87 -21.37 10.19
CA ARG A 65 -7.34 -21.97 8.97
C ARG A 65 -5.89 -21.62 8.77
N PHE A 66 -5.35 -20.85 9.71
CA PHE A 66 -3.96 -20.50 9.67
C PHE A 66 -3.32 -21.44 10.67
N SER A 67 -2.12 -21.88 10.38
CA SER A 67 -1.45 -22.73 11.31
C SER A 67 -0.06 -22.91 10.84
N GLY A 68 0.87 -22.68 11.74
CA GLY A 68 2.25 -22.84 11.37
C GLY A 68 2.74 -23.95 12.23
N SER A 69 3.92 -24.45 11.94
CA SER A 69 4.50 -25.54 12.70
C SER A 69 5.96 -25.54 12.30
N GLY A 70 6.77 -26.42 12.89
CA GLY A 70 8.16 -26.44 12.51
C GLY A 70 8.96 -26.18 13.75
N SER A 71 10.27 -26.34 13.63
CA SER A 71 11.19 -26.15 14.75
C SER A 71 12.63 -25.97 14.26
N ARG A 72 13.48 -25.49 15.16
CA ARG A 72 14.89 -25.28 14.86
C ARG A 72 15.09 -24.45 13.62
N THR A 73 15.13 -25.08 12.45
CA THR A 73 15.35 -24.37 11.22
C THR A 73 14.31 -24.51 10.12
N ASP A 74 13.28 -25.33 10.32
CA ASP A 74 12.26 -25.48 9.30
C ASP A 74 10.92 -25.14 9.82
N PHE A 75 10.31 -24.12 9.23
CA PHE A 75 9.00 -23.63 9.61
C PHE A 75 8.06 -23.51 8.42
N THR A 76 6.76 -23.77 8.62
CA THR A 76 5.77 -23.74 7.57
C THR A 76 4.52 -23.01 8.00
N LEU A 77 3.95 -22.18 7.15
CA LEU A 77 2.69 -21.50 7.45
C LEU A 77 1.81 -22.15 6.45
N THR A 78 0.62 -22.58 6.88
CA THR A 78 -0.33 -23.26 6.00
C THR A 78 -1.63 -22.50 6.10
N ILE A 79 -2.30 -22.29 4.99
CA ILE A 79 -3.57 -21.58 5.02
C ILE A 79 -4.51 -22.51 4.29
N ASP A 80 -5.45 -23.10 5.00
CA ASP A 80 -6.41 -24.02 4.40
C ASP A 80 -7.70 -23.89 5.13
N PRO A 81 -8.74 -23.42 4.44
CA PRO A 81 -8.73 -23.01 3.03
C PRO A 81 -8.44 -21.55 2.75
N VAL A 82 -7.75 -21.28 1.67
CA VAL A 82 -7.48 -19.92 1.31
C VAL A 82 -8.84 -19.24 1.18
N GLU A 83 -8.90 -17.93 1.38
CA GLU A 83 -10.14 -17.17 1.29
C GLU A 83 -9.77 -15.87 0.67
N ALA A 84 -10.71 -15.25 -0.02
CA ALA A 84 -10.50 -13.97 -0.70
C ALA A 84 -9.67 -12.95 0.06
N ASP A 85 -9.85 -12.97 1.38
CA ASP A 85 -9.20 -12.09 2.35
C ASP A 85 -7.73 -12.36 2.63
N ASP A 86 -7.21 -13.47 2.11
CA ASP A 86 -5.83 -13.82 2.35
C ASP A 86 -4.90 -13.31 1.27
N ALA A 87 -5.43 -12.58 0.29
CA ALA A 87 -4.60 -12.02 -0.76
C ALA A 87 -3.76 -10.94 -0.10
N ALA A 88 -2.49 -11.25 0.16
CA ALA A 88 -1.56 -10.36 0.83
C ALA A 88 -0.15 -10.95 0.85
N THR A 89 0.83 -10.24 1.43
CA THR A 89 2.22 -10.73 1.52
C THR A 89 2.46 -11.20 2.94
N TYR A 90 3.15 -12.32 3.08
CA TYR A 90 3.44 -12.88 4.40
C TYR A 90 4.93 -12.89 4.67
N TYR A 91 5.30 -12.54 5.90
CA TYR A 91 6.70 -12.47 6.30
C TYR A 91 6.97 -13.37 7.47
N CYS A 92 8.18 -13.85 7.61
CA CYS A 92 8.51 -14.63 8.77
C CYS A 92 9.65 -13.86 9.40
N GLN A 93 9.82 -13.96 10.71
CA GLN A 93 10.88 -13.23 11.38
C GLN A 93 11.45 -14.08 12.47
N GLN A 94 12.71 -13.87 12.79
CA GLN A 94 13.34 -14.57 13.90
C GLN A 94 13.64 -13.48 14.88
N ASN A 95 13.45 -13.74 16.16
CA ASN A 95 13.80 -12.76 17.15
C ASN A 95 14.49 -13.51 18.28
N ASN A 96 15.20 -14.58 17.92
CA ASN A 96 15.91 -15.35 18.90
C ASN A 96 17.28 -14.76 19.21
N GLU A 97 17.92 -14.13 18.23
CA GLU A 97 19.21 -13.49 18.46
C GLU A 97 19.33 -12.25 17.62
N ASP A 98 20.20 -11.34 18.04
CA ASP A 98 20.35 -10.07 17.37
C ASP A 98 21.31 -10.08 16.18
N PRO A 99 20.99 -9.31 15.12
CA PRO A 99 19.81 -8.45 14.98
C PRO A 99 18.62 -9.23 14.51
N PRO A 100 17.42 -8.85 14.97
CA PRO A 100 16.26 -9.59 14.48
C PRO A 100 16.18 -9.38 12.97
N THR A 101 15.92 -10.44 12.22
CA THR A 101 15.85 -10.38 10.78
C THR A 101 14.51 -10.88 10.29
N PHE A 102 14.05 -10.33 9.17
CA PHE A 102 12.79 -10.73 8.52
C PHE A 102 13.11 -11.55 7.25
N GLY A 103 12.07 -12.11 6.65
CA GLY A 103 12.21 -12.84 5.41
C GLY A 103 11.74 -11.85 4.35
N ALA A 104 12.00 -12.16 3.08
CA ALA A 104 11.60 -11.27 1.99
C ALA A 104 10.12 -11.20 1.65
N GLY A 105 9.34 -12.08 2.25
CA GLY A 105 7.91 -12.09 1.99
C GLY A 105 7.51 -13.03 0.89
N THR A 106 6.28 -13.50 0.97
CA THR A 106 5.66 -14.40 0.00
C THR A 106 4.32 -13.78 -0.36
N LYS A 107 4.20 -13.31 -1.58
CA LYS A 107 3.00 -12.67 -2.04
C LYS A 107 2.00 -13.71 -2.51
N LEU A 108 0.89 -13.84 -1.81
CA LEU A 108 -0.17 -14.78 -2.16
C LEU A 108 -1.25 -14.03 -2.92
N GLU A 109 -1.58 -14.51 -4.09
CA GLU A 109 -2.60 -13.87 -4.86
C GLU A 109 -3.46 -15.08 -5.12
N MET A 110 -4.76 -14.98 -4.92
CA MET A 110 -5.53 -16.17 -5.13
C MET A 110 -6.47 -16.14 -6.31
N ARG A 111 -6.76 -17.33 -6.82
CA ARG A 111 -7.54 -17.49 -8.02
C ARG A 111 -9.02 -17.63 -7.85
N ARG A 112 -9.73 -16.90 -8.69
CA ARG A 112 -11.18 -16.89 -8.67
C ARG A 112 -11.63 -17.12 -10.09
N ALA A 113 -12.93 -17.09 -10.28
CA ALA A 113 -13.48 -17.25 -11.61
C ALA A 113 -13.01 -16.04 -12.42
N ASP A 114 -12.85 -16.24 -13.72
CA ASP A 114 -12.43 -15.18 -14.59
C ASP A 114 -13.60 -14.23 -14.68
N ALA A 115 -13.33 -12.94 -14.85
CA ALA A 115 -14.40 -11.96 -14.94
C ALA A 115 -14.04 -10.91 -15.96
N ALA A 116 -15.06 -10.33 -16.58
CA ALA A 116 -14.92 -9.34 -17.64
C ALA A 116 -14.83 -7.91 -17.08
N PRO A 117 -13.95 -7.08 -17.67
CA PRO A 117 -13.79 -5.71 -17.17
C PRO A 117 -14.93 -4.75 -17.50
N THR A 118 -15.73 -4.35 -16.52
CA THR A 118 -16.78 -3.37 -16.81
C THR A 118 -16.03 -2.10 -17.17
N VAL A 119 -16.10 -1.64 -18.41
CA VAL A 119 -15.35 -0.43 -18.79
C VAL A 119 -16.18 0.84 -18.88
N SER A 120 -15.52 1.98 -18.68
CA SER A 120 -16.18 3.26 -18.74
C SER A 120 -15.16 4.24 -19.23
N ILE A 121 -15.60 5.37 -19.77
CA ILE A 121 -14.66 6.37 -20.27
C ILE A 121 -15.14 7.77 -19.90
N PHE A 122 -14.19 8.70 -19.81
CA PHE A 122 -14.51 10.06 -19.41
C PHE A 122 -13.78 11.11 -20.23
N PRO A 123 -14.53 12.07 -20.81
CA PRO A 123 -13.98 13.17 -21.63
C PRO A 123 -13.28 14.11 -20.67
N PRO A 124 -12.51 15.08 -21.19
CA PRO A 124 -11.83 16.01 -20.29
C PRO A 124 -12.82 16.77 -19.43
N SER A 125 -12.43 17.02 -18.19
CA SER A 125 -13.26 17.73 -17.24
C SER A 125 -13.06 19.20 -17.49
N SER A 126 -14.07 19.85 -18.05
CA SER A 126 -14.05 21.28 -18.34
C SER A 126 -12.85 22.04 -17.74
N GLU A 127 -12.76 22.07 -16.40
CA GLU A 127 -11.70 22.75 -15.64
C GLU A 127 -10.29 22.64 -16.24
N GLN A 128 -9.96 21.43 -16.64
CA GLN A 128 -8.66 21.14 -17.19
C GLN A 128 -8.37 21.92 -18.45
N LEU A 129 -9.32 21.89 -19.38
CA LEU A 129 -9.12 22.59 -20.63
C LEU A 129 -8.90 24.05 -20.34
N THR A 130 -9.75 24.61 -19.49
CA THR A 130 -9.60 26.00 -19.11
C THR A 130 -8.11 26.22 -18.81
N SER A 131 -7.56 25.28 -18.04
CA SER A 131 -6.15 25.34 -17.65
C SER A 131 -5.26 24.82 -18.78
N GLY A 132 -5.66 25.08 -20.02
CA GLY A 132 -4.88 24.63 -21.15
C GLY A 132 -4.38 23.20 -21.01
N GLY A 133 -5.32 22.25 -20.96
CA GLY A 133 -4.95 20.85 -20.85
C GLY A 133 -6.13 19.92 -21.02
N ALA A 134 -5.87 18.65 -21.33
CA ALA A 134 -6.95 17.68 -21.49
C ALA A 134 -6.53 16.21 -21.40
N SER A 135 -6.99 15.52 -20.35
CA SER A 135 -6.68 14.13 -20.13
C SER A 135 -7.94 13.33 -20.33
N VAL A 136 -7.87 12.28 -21.12
CA VAL A 136 -9.03 11.42 -21.35
C VAL A 136 -8.78 10.22 -20.45
N VAL A 137 -9.83 9.67 -19.85
CA VAL A 137 -9.67 8.56 -18.92
C VAL A 137 -10.58 7.39 -19.19
N CYS A 138 -10.03 6.18 -19.09
CA CYS A 138 -10.81 4.97 -19.33
C CYS A 138 -10.65 4.05 -18.14
N PHE A 139 -11.75 3.53 -17.60
CA PHE A 139 -11.68 2.67 -16.46
C PHE A 139 -12.09 1.27 -16.83
N LEU A 140 -11.31 0.29 -16.39
CA LEU A 140 -11.65 -1.09 -16.61
C LEU A 140 -11.71 -1.58 -15.18
N ASN A 141 -12.91 -1.89 -14.71
CA ASN A 141 -13.11 -2.30 -13.34
C ASN A 141 -13.55 -3.71 -13.18
N ASN A 142 -13.12 -4.29 -12.08
CA ASN A 142 -13.49 -5.62 -11.68
C ASN A 142 -13.28 -6.77 -12.64
N PHE A 143 -12.03 -7.17 -12.82
CA PHE A 143 -11.71 -8.28 -13.68
C PHE A 143 -10.72 -9.27 -13.08
N TYR A 144 -10.67 -10.43 -13.70
CA TYR A 144 -9.76 -11.49 -13.33
C TYR A 144 -9.70 -12.36 -14.57
N PRO A 145 -8.50 -12.75 -15.02
CA PRO A 145 -7.17 -12.48 -14.50
C PRO A 145 -6.69 -11.05 -14.66
N LYS A 146 -5.59 -10.78 -13.99
CA LYS A 146 -4.94 -9.49 -13.99
C LYS A 146 -4.42 -9.05 -15.35
N ASP A 147 -4.21 -10.00 -16.25
CA ASP A 147 -3.69 -9.65 -17.58
C ASP A 147 -4.83 -9.18 -18.49
N ILE A 148 -4.59 -8.02 -19.11
CA ILE A 148 -5.56 -7.40 -19.99
C ILE A 148 -4.76 -6.31 -20.62
N ASN A 149 -5.14 -5.90 -21.83
CA ASN A 149 -4.42 -4.82 -22.47
C ASN A 149 -5.42 -3.97 -23.19
N VAL A 150 -5.19 -2.67 -23.15
CA VAL A 150 -6.10 -1.74 -23.78
C VAL A 150 -5.43 -0.81 -24.76
N LYS A 151 -6.09 -0.67 -25.92
CA LYS A 151 -5.59 0.20 -26.97
C LYS A 151 -6.32 1.53 -26.88
N TRP A 152 -5.61 2.60 -27.17
CA TRP A 152 -6.29 3.87 -27.19
C TRP A 152 -6.56 4.11 -28.63
N LYS A 153 -7.27 5.16 -28.94
CA LYS A 153 -7.55 5.39 -30.32
C LYS A 153 -8.17 6.74 -30.43
N ILE A 154 -7.69 7.49 -31.41
CA ILE A 154 -8.20 8.81 -31.65
C ILE A 154 -8.46 8.93 -33.14
N ASP A 155 -9.72 9.12 -33.53
CA ASP A 155 -10.06 9.23 -34.95
C ASP A 155 -9.39 8.04 -35.64
N GLY A 156 -9.58 6.86 -35.07
CA GLY A 156 -8.98 5.66 -35.62
C GLY A 156 -7.50 5.51 -35.36
N SER A 157 -6.76 6.62 -35.44
CA SER A 157 -5.32 6.59 -35.22
C SER A 157 -4.96 6.07 -33.83
N GLU A 158 -4.52 4.81 -33.78
CA GLU A 158 -4.13 4.20 -32.54
C GLU A 158 -3.16 5.11 -31.81
N ARG A 159 -3.56 5.61 -30.65
CA ARG A 159 -2.65 6.46 -29.90
C ARG A 159 -1.62 5.63 -29.17
N GLN A 160 -0.39 5.82 -29.61
CA GLN A 160 0.72 5.10 -29.06
C GLN A 160 1.15 5.56 -27.67
N ASN A 161 1.26 6.87 -27.47
CA ASN A 161 1.74 7.38 -26.20
C ASN A 161 1.09 8.61 -25.59
N GLY A 162 1.42 8.82 -24.32
CA GLY A 162 0.89 9.91 -23.52
C GLY A 162 -0.10 9.26 -22.57
N VAL A 163 -0.12 7.92 -22.62
CA VAL A 163 -1.02 7.09 -21.82
C VAL A 163 -0.35 6.54 -20.55
N LEU A 164 -1.09 6.60 -19.43
CA LEU A 164 -0.67 6.12 -18.10
C LEU A 164 -1.58 5.02 -17.62
N ASN A 165 -1.01 3.87 -17.25
CA ASN A 165 -1.76 2.74 -16.71
C ASN A 165 -1.44 2.52 -15.24
N SER A 166 -2.44 2.09 -14.46
CA SER A 166 -2.26 1.83 -13.05
C SER A 166 -3.22 0.71 -12.63
N TRP A 167 -2.73 -0.32 -11.95
CA TRP A 167 -3.58 -1.44 -11.52
C TRP A 167 -3.72 -1.44 -10.03
N THR A 168 -4.88 -1.82 -9.54
CA THR A 168 -5.05 -1.90 -8.10
C THR A 168 -4.45 -3.24 -7.71
N ASP A 169 -4.47 -3.55 -6.42
CA ASP A 169 -3.97 -4.83 -5.96
C ASP A 169 -5.25 -5.63 -5.89
N GLN A 170 -5.15 -6.94 -5.93
CA GLN A 170 -6.32 -7.79 -5.88
C GLN A 170 -7.25 -7.36 -4.77
N ASP A 171 -8.54 -7.36 -5.04
CA ASP A 171 -9.50 -6.96 -4.04
C ASP A 171 -9.63 -8.02 -2.97
N SER A 172 -9.66 -7.58 -1.71
CA SER A 172 -9.76 -8.48 -0.58
C SER A 172 -11.12 -9.05 -0.35
N LYS A 173 -12.15 -8.43 -0.89
CA LYS A 173 -13.48 -8.97 -0.67
C LYS A 173 -13.94 -9.89 -1.81
N ASP A 174 -13.45 -9.66 -3.02
CA ASP A 174 -13.82 -10.51 -4.14
C ASP A 174 -12.69 -10.98 -5.10
N SER A 175 -11.44 -10.64 -4.80
CA SER A 175 -10.32 -11.09 -5.61
C SER A 175 -10.14 -10.49 -7.00
N THR A 176 -10.97 -9.54 -7.39
CA THR A 176 -10.77 -8.96 -8.72
C THR A 176 -9.65 -7.98 -8.71
N TYR A 177 -9.43 -7.37 -9.87
CA TYR A 177 -8.41 -6.35 -10.08
C TYR A 177 -9.07 -5.23 -10.86
N SER A 178 -8.40 -4.10 -10.99
CA SER A 178 -8.97 -3.03 -11.77
C SER A 178 -7.85 -2.16 -12.26
N MET A 179 -8.03 -1.47 -13.38
CA MET A 179 -6.99 -0.60 -13.87
C MET A 179 -7.57 0.64 -14.50
N SER A 180 -6.74 1.66 -14.67
CA SER A 180 -7.16 2.92 -15.24
C SER A 180 -6.07 3.33 -16.20
N SER A 181 -6.43 4.03 -17.26
CA SER A 181 -5.45 4.49 -18.23
C SER A 181 -5.78 5.94 -18.49
N THR A 182 -4.76 6.74 -18.76
CA THR A 182 -5.00 8.14 -18.96
C THR A 182 -4.34 8.71 -20.22
N LEU A 183 -5.16 9.03 -21.23
CA LEU A 183 -4.62 9.62 -22.46
C LEU A 183 -4.41 11.06 -22.05
N THR A 184 -3.23 11.60 -22.32
CA THR A 184 -3.00 12.96 -21.92
C THR A 184 -2.67 13.82 -23.14
N LEU A 185 -3.66 14.57 -23.59
CA LEU A 185 -3.52 15.45 -24.74
C LEU A 185 -3.41 16.93 -24.29
N THR A 186 -3.07 17.78 -25.25
CA THR A 186 -3.01 19.20 -25.03
C THR A 186 -4.42 19.59 -25.49
N LYS A 187 -4.97 20.69 -24.97
CA LYS A 187 -6.31 21.14 -25.37
C LYS A 187 -6.46 21.05 -26.90
N ASP A 188 -5.53 21.72 -27.57
CA ASP A 188 -5.45 21.78 -29.03
C ASP A 188 -5.45 20.40 -29.68
N GLU A 189 -4.47 19.54 -29.34
CA GLU A 189 -4.42 18.20 -29.93
C GLU A 189 -5.80 17.62 -29.72
N TYR A 190 -6.32 17.81 -28.53
CA TYR A 190 -7.64 17.31 -28.22
C TYR A 190 -8.63 18.00 -29.16
N GLU A 191 -8.34 19.25 -29.50
CA GLU A 191 -9.17 20.03 -30.39
C GLU A 191 -9.23 19.50 -31.82
N ARG A 192 -8.16 18.87 -32.26
CA ARG A 192 -8.11 18.36 -33.61
C ARG A 192 -8.55 16.91 -33.77
N HIS A 193 -9.73 16.56 -33.27
CA HIS A 193 -10.28 15.20 -33.36
C HIS A 193 -11.77 15.21 -33.08
N ASN A 194 -12.36 14.03 -32.93
CA ASN A 194 -13.79 13.92 -32.65
C ASN A 194 -14.15 12.62 -31.93
N SER A 195 -13.38 11.56 -32.16
CA SER A 195 -13.65 10.30 -31.49
C SER A 195 -12.42 9.81 -30.77
N TYR A 196 -12.65 9.36 -29.54
CA TYR A 196 -11.58 8.84 -28.71
C TYR A 196 -12.10 7.49 -28.23
N THR A 197 -11.19 6.55 -28.01
CA THR A 197 -11.62 5.23 -27.61
C THR A 197 -10.57 4.44 -26.88
N CYS A 198 -11.05 3.51 -26.05
CA CYS A 198 -10.18 2.56 -25.33
C CYS A 198 -10.69 1.14 -25.63
N GLU A 199 -9.78 0.36 -26.19
CA GLU A 199 -10.02 -1.00 -26.57
C GLU A 199 -9.52 -1.93 -25.50
N ALA A 200 -10.44 -2.52 -24.76
CA ALA A 200 -10.06 -3.45 -23.71
C ALA A 200 -10.01 -4.82 -24.34
N THR A 201 -8.81 -5.38 -24.49
CA THR A 201 -8.71 -6.73 -25.02
C THR A 201 -8.32 -7.60 -23.84
N HIS A 202 -9.15 -8.60 -23.53
CA HIS A 202 -8.91 -9.45 -22.37
C HIS A 202 -9.55 -10.81 -22.57
N LYS A 203 -8.91 -11.80 -21.95
CA LYS A 203 -9.29 -13.23 -21.97
C LYS A 203 -10.76 -13.65 -21.86
N THR A 204 -11.55 -12.92 -21.09
CA THR A 204 -12.96 -13.26 -20.91
C THR A 204 -13.74 -13.34 -22.25
N SER A 205 -13.46 -12.40 -23.16
CA SER A 205 -14.14 -12.36 -24.45
C SER A 205 -13.20 -11.98 -25.59
N THR A 206 -13.48 -12.56 -26.77
CA THR A 206 -12.69 -12.34 -27.98
C THR A 206 -12.76 -10.94 -28.61
N SER A 207 -13.96 -10.35 -28.65
CA SER A 207 -14.16 -9.01 -29.20
C SER A 207 -13.76 -7.99 -28.14
N PRO A 208 -12.69 -7.21 -28.40
CA PRO A 208 -12.22 -6.21 -27.44
C PRO A 208 -13.32 -5.24 -27.08
N ILE A 209 -13.64 -5.19 -25.79
CA ILE A 209 -14.67 -4.27 -25.32
C ILE A 209 -14.18 -2.90 -25.67
N VAL A 210 -14.99 -2.20 -26.46
CA VAL A 210 -14.65 -0.88 -26.90
C VAL A 210 -15.60 0.09 -26.27
N LYS A 211 -15.09 1.27 -25.96
CA LYS A 211 -15.91 2.31 -25.39
C LYS A 211 -15.37 3.55 -26.08
N SER A 212 -16.27 4.42 -26.52
CA SER A 212 -15.85 5.58 -27.26
C SER A 212 -16.74 6.74 -27.00
N PHE A 213 -16.27 7.92 -27.40
CA PHE A 213 -17.04 9.13 -27.24
C PHE A 213 -16.67 10.19 -28.29
N ASN A 214 -17.69 10.96 -28.67
CA ASN A 214 -17.62 12.08 -29.63
C ASN A 214 -17.02 13.22 -28.83
N ARG A 215 -16.08 13.96 -29.40
CA ARG A 215 -15.38 15.03 -28.67
C ARG A 215 -16.24 16.17 -28.11
N GLN B 1 -6.67 1.31 23.31
CA GLN B 1 -5.59 1.40 24.35
C GLN B 1 -4.30 2.09 23.81
N VAL B 2 -3.30 1.29 23.44
CA VAL B 2 -2.04 1.83 22.94
C VAL B 2 -2.22 2.31 21.51
N LYS B 3 -1.42 3.29 21.13
CA LYS B 3 -1.48 3.87 19.81
C LYS B 3 -0.08 4.41 19.57
N LEU B 4 0.48 4.19 18.38
CA LEU B 4 1.82 4.69 18.01
C LEU B 4 1.65 5.48 16.73
N GLN B 5 2.27 6.64 16.63
CA GLN B 5 2.13 7.44 15.43
C GLN B 5 3.46 8.02 15.00
N GLU B 6 3.84 7.79 13.74
CA GLU B 6 5.11 8.27 13.23
C GLU B 6 4.92 9.66 12.70
N SER B 7 5.82 10.56 13.06
CA SER B 7 5.77 11.94 12.59
C SER B 7 7.08 12.15 11.87
N GLY B 8 7.02 12.84 10.74
CA GLY B 8 8.24 13.10 9.99
C GLY B 8 7.99 13.87 8.71
N PRO B 9 9.07 14.37 8.09
CA PRO B 9 9.10 15.14 6.85
C PRO B 9 8.73 14.33 5.61
N ALA B 10 7.71 14.78 4.89
CA ALA B 10 7.26 14.08 3.70
C ALA B 10 8.29 14.02 2.61
N VAL B 11 9.27 14.91 2.64
CA VAL B 11 10.29 14.95 1.59
C VAL B 11 11.58 15.55 2.11
N ILE B 12 12.72 14.99 1.70
CA ILE B 12 13.98 15.47 2.18
C ILE B 12 15.07 15.38 1.13
N LYS B 13 15.81 16.48 0.98
CA LYS B 13 16.88 16.61 0.00
C LYS B 13 17.95 15.56 0.24
N PRO B 14 18.57 15.05 -0.84
CA PRO B 14 19.61 14.05 -0.69
C PRO B 14 20.73 14.65 0.14
N SER B 15 21.47 13.79 0.83
CA SER B 15 22.57 14.21 1.68
C SER B 15 22.14 15.30 2.63
N GLN B 16 21.28 14.90 3.54
CA GLN B 16 20.71 15.75 4.57
C GLN B 16 20.23 14.76 5.63
N SER B 17 19.91 15.22 6.83
CA SER B 17 19.52 14.25 7.85
C SER B 17 18.03 14.08 8.05
N LEU B 18 17.59 12.83 8.02
CA LEU B 18 16.19 12.49 8.24
C LEU B 18 16.03 12.11 9.72
N SER B 19 15.02 12.64 10.40
CA SER B 19 14.81 12.24 11.78
C SER B 19 13.32 12.11 12.01
N LEU B 20 12.90 10.91 12.35
CA LEU B 20 11.51 10.64 12.57
C LEU B 20 11.28 10.55 14.05
N THR B 21 10.03 10.72 14.43
CA THR B 21 9.61 10.66 15.81
C THR B 21 8.43 9.72 15.89
N CYS B 22 8.42 8.87 16.91
CA CYS B 22 7.34 7.94 17.13
C CYS B 22 6.75 8.37 18.45
N ILE B 23 5.48 8.74 18.45
CA ILE B 23 4.81 9.21 19.65
C ILE B 23 3.99 8.08 20.23
N VAL B 24 4.49 7.39 21.25
CA VAL B 24 3.73 6.30 21.84
C VAL B 24 2.65 7.05 22.55
N SER B 25 1.51 6.40 22.76
CA SER B 25 0.41 7.05 23.41
C SER B 25 -0.46 6.01 24.10
N GLY B 26 -0.98 6.38 25.27
CA GLY B 26 -1.84 5.47 26.01
C GLY B 26 -1.06 4.31 26.59
N PHE B 27 0.24 4.50 26.74
CA PHE B 27 1.16 3.50 27.29
C PHE B 27 2.51 4.19 27.34
N SER B 28 3.43 3.79 28.21
CA SER B 28 4.69 4.50 28.24
C SER B 28 5.91 3.67 27.87
N ILE B 29 6.93 4.35 27.35
CA ILE B 29 8.14 3.71 26.93
C ILE B 29 9.08 3.27 28.04
N THR B 30 8.65 3.47 29.28
CA THR B 30 9.45 3.02 30.42
C THR B 30 8.88 1.80 31.13
N ARG B 31 7.67 1.38 30.78
CA ARG B 31 7.13 0.22 31.45
C ARG B 31 8.07 -0.93 31.19
N THR B 32 8.37 -1.72 32.21
CA THR B 32 9.34 -2.79 32.05
C THR B 32 8.93 -3.83 31.03
N ASN B 33 9.93 -4.53 30.51
CA ASN B 33 9.77 -5.62 29.53
C ASN B 33 9.77 -5.25 28.06
N TYR B 34 9.02 -4.22 27.70
CA TYR B 34 8.92 -3.82 26.32
C TYR B 34 10.12 -3.16 25.71
N CYS B 35 10.25 -3.31 24.38
CA CYS B 35 11.29 -2.63 23.58
C CYS B 35 10.53 -1.97 22.47
N TRP B 36 11.05 -0.86 21.99
CA TRP B 36 10.41 -0.08 20.97
C TRP B 36 11.32 -0.17 19.77
N HIS B 37 10.73 -0.46 18.62
CA HIS B 37 11.49 -0.66 17.39
C HIS B 37 11.16 0.32 16.31
N TRP B 38 12.09 0.40 15.36
CA TRP B 38 11.98 1.21 14.16
C TRP B 38 12.16 0.20 13.03
N ILE B 39 11.26 0.23 12.06
CA ILE B 39 11.28 -0.67 10.94
C ILE B 39 10.83 0.11 9.73
N ARG B 40 11.50 -0.11 8.62
CA ARG B 40 11.20 0.60 7.41
C ARG B 40 10.93 -0.38 6.30
N GLN B 41 10.23 0.05 5.28
CA GLN B 41 9.92 -0.85 4.17
C GLN B 41 10.12 -0.07 2.90
N ALA B 42 11.28 -0.27 2.27
CA ALA B 42 11.59 0.40 1.03
C ALA B 42 10.40 0.08 0.10
N PRO B 43 9.89 1.05 -0.68
CA PRO B 43 8.75 0.76 -1.55
C PRO B 43 8.95 -0.42 -2.52
N GLY B 44 7.94 -1.27 -2.58
CA GLY B 44 7.99 -2.46 -3.42
C GLY B 44 9.05 -3.48 -2.98
N LYS B 45 9.38 -3.49 -1.69
CA LYS B 45 10.37 -4.41 -1.16
C LYS B 45 9.97 -4.89 0.21
N GLY B 46 10.77 -5.77 0.81
CA GLY B 46 10.41 -6.31 2.12
C GLY B 46 10.62 -5.38 3.29
N LEU B 47 10.12 -5.78 4.46
CA LEU B 47 10.28 -4.99 5.67
C LEU B 47 11.74 -5.11 5.99
N GLU B 48 12.30 -4.07 6.59
CA GLU B 48 13.69 -4.05 6.94
C GLU B 48 13.86 -3.47 8.34
N TRP B 49 14.53 -4.19 9.23
CA TRP B 49 14.71 -3.73 10.60
C TRP B 49 15.80 -2.66 10.75
N MET B 50 15.62 -1.74 11.69
CA MET B 50 16.59 -0.69 11.83
C MET B 50 17.29 -0.54 13.15
N GLY B 51 16.54 -0.63 14.23
CA GLY B 51 17.14 -0.52 15.54
C GLY B 51 16.06 -0.56 16.58
N ARG B 52 16.40 -0.65 17.85
CA ARG B 52 15.38 -0.65 18.90
C ARG B 52 15.93 0.02 20.13
N ILE B 53 15.04 0.55 20.94
CA ILE B 53 15.43 1.17 22.20
C ILE B 53 14.50 0.53 23.23
N CYS B 54 15.08 -0.22 24.15
CA CYS B 54 14.29 -0.91 25.19
C CYS B 54 13.96 -0.06 26.42
N TYR B 55 12.88 -0.40 27.11
CA TYR B 55 12.41 0.34 28.31
C TYR B 55 13.52 0.92 29.20
N GLU B 56 14.53 0.13 29.50
CA GLU B 56 15.61 0.66 30.31
C GLU B 56 16.67 1.33 29.46
N GLY B 57 16.27 2.03 28.42
CA GLY B 57 17.26 2.70 27.58
C GLY B 57 18.26 1.91 26.75
N SER B 58 18.36 0.59 26.89
CA SER B 58 19.31 -0.20 26.07
C SER B 58 19.00 -0.01 24.58
N ILE B 59 20.03 0.15 23.76
CA ILE B 59 19.85 0.38 22.33
C ILE B 59 20.59 -0.61 21.47
N TYR B 60 19.98 -0.95 20.35
CA TYR B 60 20.63 -1.84 19.40
C TYR B 60 20.35 -1.30 18.00
N TYR B 61 21.37 -1.35 17.14
CA TYR B 61 21.26 -0.86 15.77
C TYR B 61 21.48 -1.92 14.71
N SER B 62 20.72 -1.81 13.64
CA SER B 62 20.89 -2.68 12.49
C SER B 62 22.32 -2.35 12.07
N PRO B 63 23.15 -3.35 11.75
CA PRO B 63 24.52 -2.98 11.37
C PRO B 63 24.66 -1.97 10.25
N SER B 64 23.81 -2.12 9.24
CA SER B 64 23.81 -1.26 8.07
C SER B 64 23.54 0.22 8.30
N ILE B 65 22.91 0.60 9.40
CA ILE B 65 22.65 2.01 9.66
C ILE B 65 23.27 2.40 10.97
N LYS B 66 24.08 1.50 11.52
CA LYS B 66 24.73 1.77 12.79
C LYS B 66 25.71 2.93 12.76
N SER B 67 26.50 3.03 11.71
CA SER B 67 27.49 4.09 11.63
C SER B 67 26.91 5.41 11.21
N ARG B 68 25.61 5.45 10.92
CA ARG B 68 25.00 6.69 10.49
C ARG B 68 23.64 6.98 11.07
N SER B 69 23.46 6.69 12.35
CA SER B 69 22.20 6.95 13.02
C SER B 69 22.33 6.91 14.54
N THR B 70 21.33 7.45 15.21
CA THR B 70 21.30 7.45 16.65
C THR B 70 19.88 7.42 17.05
N ILE B 71 19.60 6.54 18.00
CA ILE B 71 18.26 6.37 18.51
C ILE B 71 18.23 6.98 19.92
N SER B 72 17.39 7.95 20.13
CA SER B 72 17.30 8.56 21.44
C SER B 72 15.85 8.43 21.85
N ARG B 73 15.46 9.06 22.94
CA ARG B 73 14.09 9.00 23.39
C ARG B 73 13.85 10.13 24.37
N ASP B 74 12.59 10.41 24.64
CA ASP B 74 12.26 11.45 25.59
C ASP B 74 11.26 10.87 26.58
N THR B 75 11.75 10.56 27.76
CA THR B 75 10.95 10.01 28.83
C THR B 75 9.78 10.92 29.19
N SER B 76 10.05 12.22 29.31
CA SER B 76 9.02 13.18 29.67
C SER B 76 7.84 13.14 28.72
N LEU B 77 8.11 13.43 27.46
CA LEU B 77 7.09 13.46 26.40
C LEU B 77 6.58 12.07 26.01
N ASN B 78 7.31 11.04 26.40
CA ASN B 78 6.93 9.66 26.09
C ASN B 78 6.93 9.45 24.56
N LYS B 79 8.11 9.52 23.96
CA LYS B 79 8.24 9.32 22.53
C LYS B 79 9.71 9.06 22.24
N PHE B 80 10.01 8.26 21.20
CA PHE B 80 11.39 7.96 20.81
C PHE B 80 11.62 8.38 19.36
N PHE B 81 12.87 8.59 18.94
CA PHE B 81 13.17 9.04 17.58
C PHE B 81 14.33 8.29 16.94
N ILE B 82 14.63 8.64 15.69
CA ILE B 82 15.77 8.06 14.98
C ILE B 82 16.23 9.11 14.01
N GLN B 83 17.53 9.15 13.76
CA GLN B 83 18.07 10.09 12.82
C GLN B 83 18.98 9.31 11.91
N LEU B 84 18.89 9.57 10.61
CA LEU B 84 19.73 8.95 9.61
C LEU B 84 20.46 10.12 8.96
N ILE B 85 21.78 10.16 9.05
CA ILE B 85 22.47 11.25 8.41
C ILE B 85 22.77 10.91 6.94
N SER B 86 22.87 11.94 6.13
CA SER B 86 23.17 11.83 4.72
C SER B 86 22.35 10.79 4.02
N VAL B 87 21.06 11.10 3.95
CA VAL B 87 20.08 10.23 3.34
C VAL B 87 20.39 10.19 1.86
N THR B 88 19.80 9.25 1.16
CA THR B 88 19.97 9.06 -0.28
C THR B 88 18.67 8.39 -0.70
N ASN B 89 18.47 8.18 -2.00
CA ASN B 89 17.24 7.55 -2.49
C ASN B 89 16.97 6.24 -1.81
N GLU B 90 18.03 5.51 -1.46
CA GLU B 90 17.88 4.21 -0.82
C GLU B 90 17.08 4.37 0.47
N ASP B 91 17.01 5.59 0.99
CA ASP B 91 16.30 5.91 2.21
C ASP B 91 14.82 6.21 2.03
N THR B 92 14.33 6.26 0.80
CA THR B 92 12.92 6.52 0.55
C THR B 92 12.21 5.25 0.96
N ALA B 93 11.23 5.36 1.85
CA ALA B 93 10.56 4.15 2.26
C ALA B 93 9.44 4.48 3.20
N MET B 94 8.80 3.46 3.74
CA MET B 94 7.77 3.72 4.69
C MET B 94 8.40 3.32 5.99
N TYR B 95 8.24 4.17 6.99
CA TYR B 95 8.79 3.94 8.30
C TYR B 95 7.70 3.71 9.30
N TYR B 96 7.88 2.67 10.11
CA TYR B 96 6.93 2.28 11.12
C TYR B 96 7.69 2.18 12.42
N CYS B 97 6.98 2.24 13.54
CA CYS B 97 7.60 2.04 14.83
C CYS B 97 6.64 1.09 15.49
N SER B 98 7.16 0.20 16.31
CA SER B 98 6.29 -0.76 16.97
C SER B 98 6.80 -1.19 18.34
N ARG B 99 6.09 -2.13 18.96
CA ARG B 99 6.41 -2.61 20.29
C ARG B 99 6.60 -4.09 20.40
N GLU B 100 7.53 -4.47 21.26
CA GLU B 100 7.81 -5.86 21.48
C GLU B 100 7.78 -6.09 23.00
N ASN B 101 7.29 -7.23 23.45
CA ASN B 101 7.34 -7.52 24.88
C ASN B 101 8.60 -8.28 24.88
N HIS B 102 9.70 -7.60 25.03
CA HIS B 102 10.96 -8.31 24.96
C HIS B 102 11.14 -9.46 25.91
N MET B 103 10.58 -9.33 27.10
CA MET B 103 10.77 -10.35 28.14
C MET B 103 10.05 -11.70 27.94
N TYR B 104 8.84 -11.70 27.39
CA TYR B 104 8.11 -12.94 27.22
C TYR B 104 7.84 -13.39 25.80
N GLU B 105 7.13 -12.55 25.06
CA GLU B 105 6.70 -12.87 23.73
C GLU B 105 7.61 -12.71 22.53
N THR B 106 8.43 -11.67 22.51
CA THR B 106 9.34 -11.42 21.40
C THR B 106 8.83 -11.09 19.99
N TYR B 107 7.53 -10.85 19.81
CA TYR B 107 7.04 -10.51 18.48
C TYR B 107 6.42 -9.14 18.58
N PHE B 108 6.49 -8.38 17.50
CA PHE B 108 5.98 -7.03 17.49
C PHE B 108 4.46 -7.05 17.45
N ASP B 109 3.82 -6.62 18.54
CA ASP B 109 2.37 -6.66 18.63
C ASP B 109 1.57 -5.40 18.33
N VAL B 110 2.18 -4.23 18.31
CA VAL B 110 1.44 -3.02 17.99
C VAL B 110 2.33 -2.24 17.06
N TRP B 111 1.77 -1.78 15.94
CA TRP B 111 2.52 -1.05 14.93
C TRP B 111 1.82 0.25 14.67
N GLY B 112 2.57 1.27 14.29
CA GLY B 112 1.96 2.53 13.95
C GLY B 112 1.53 2.44 12.49
N GLN B 113 0.91 3.49 11.97
CA GLN B 113 0.49 3.51 10.56
C GLN B 113 1.68 3.63 9.59
N GLY B 114 2.75 4.25 10.08
CA GLY B 114 3.98 4.43 9.32
C GLY B 114 3.95 5.55 8.31
N THR B 115 4.67 6.65 8.51
CA THR B 115 4.68 7.73 7.53
C THR B 115 5.56 7.36 6.40
N THR B 116 5.49 8.16 5.36
CA THR B 116 6.27 7.97 4.16
C THR B 116 7.30 9.07 4.06
N VAL B 117 8.47 8.74 3.52
CA VAL B 117 9.52 9.71 3.38
C VAL B 117 10.13 9.49 2.01
N THR B 118 10.29 10.57 1.28
CA THR B 118 10.83 10.53 -0.08
C THR B 118 12.05 11.45 -0.12
N VAL B 119 13.21 10.88 -0.46
CA VAL B 119 14.42 11.65 -0.54
C VAL B 119 14.50 12.22 -1.94
N SER B 120 14.47 13.54 -2.06
CA SER B 120 14.52 14.14 -3.38
C SER B 120 14.75 15.64 -3.36
N SER B 121 15.00 16.21 -4.54
CA SER B 121 15.20 17.65 -4.68
C SER B 121 13.98 18.31 -5.34
N ALA B 122 13.04 17.49 -5.80
CA ALA B 122 11.83 17.98 -6.44
C ALA B 122 11.03 18.91 -5.57
N LYS B 123 10.35 19.86 -6.20
CA LYS B 123 9.55 20.81 -5.45
C LYS B 123 8.24 20.14 -5.06
N THR B 124 7.90 20.26 -3.78
CA THR B 124 6.67 19.67 -3.25
C THR B 124 5.43 20.44 -3.72
N THR B 125 5.03 20.19 -4.96
CA THR B 125 3.87 20.81 -5.63
C THR B 125 2.52 20.21 -5.19
N PRO B 126 1.46 21.05 -5.03
CA PRO B 126 0.15 20.51 -4.61
C PRO B 126 -0.55 19.83 -5.79
N PRO B 127 -1.75 19.23 -5.59
CA PRO B 127 -2.47 18.56 -6.66
C PRO B 127 -3.71 19.32 -7.08
N SER B 128 -4.15 19.08 -8.32
CA SER B 128 -5.38 19.69 -8.84
C SER B 128 -6.34 18.55 -9.07
N VAL B 129 -7.55 18.67 -8.54
CA VAL B 129 -8.53 17.62 -8.68
C VAL B 129 -9.54 17.93 -9.77
N TYR B 130 -9.57 17.14 -10.83
CA TYR B 130 -10.55 17.35 -11.90
C TYR B 130 -11.57 16.27 -11.71
N PRO B 131 -12.85 16.58 -11.93
CA PRO B 131 -13.96 15.64 -11.77
C PRO B 131 -14.38 14.99 -13.06
N LEU B 132 -14.49 13.66 -13.02
CA LEU B 132 -14.86 12.84 -14.15
C LEU B 132 -16.33 12.48 -14.15
N ALA B 133 -17.09 13.09 -15.03
CA ALA B 133 -18.52 12.81 -15.10
C ALA B 133 -18.75 12.15 -16.45
N PRO B 134 -19.73 11.23 -16.54
CA PRO B 134 -20.09 10.49 -17.75
C PRO B 134 -20.26 11.40 -18.95
N GLY B 135 -19.78 10.91 -20.10
CA GLY B 135 -19.87 11.68 -21.35
C GLY B 135 -21.25 11.80 -21.96
N SER B 136 -22.18 12.46 -21.27
CA SER B 136 -23.53 12.68 -21.78
C SER B 136 -24.47 11.46 -21.90
N ALA B 137 -23.94 10.23 -21.84
CA ALA B 137 -24.80 9.03 -21.95
C ALA B 137 -25.49 8.53 -20.65
N ALA B 138 -26.78 8.88 -20.51
CA ALA B 138 -27.61 8.48 -19.38
C ALA B 138 -28.32 7.19 -19.79
N GLN B 139 -29.27 6.71 -18.97
CA GLN B 139 -29.97 5.45 -19.28
C GLN B 139 -28.91 4.35 -19.53
N THR B 140 -27.71 4.59 -18.99
CA THR B 140 -26.56 3.70 -19.12
C THR B 140 -26.54 2.68 -17.96
N ASN B 141 -27.05 1.47 -18.20
CA ASN B 141 -27.11 0.39 -17.19
C ASN B 141 -27.99 0.86 -16.01
N SER B 142 -27.79 0.28 -14.83
CA SER B 142 -28.55 0.71 -13.65
C SER B 142 -27.56 1.09 -12.54
N MET B 143 -26.28 1.21 -12.89
CA MET B 143 -25.21 1.58 -11.98
C MET B 143 -24.33 2.57 -12.74
N VAL B 144 -24.12 3.75 -12.18
CA VAL B 144 -23.30 4.74 -12.83
C VAL B 144 -21.93 4.76 -12.16
N THR B 145 -20.89 5.07 -12.93
CA THR B 145 -19.52 5.12 -12.41
C THR B 145 -18.87 6.47 -12.69
N LEU B 146 -18.51 7.20 -11.65
CA LEU B 146 -17.85 8.50 -11.81
C LEU B 146 -16.52 8.39 -11.10
N GLY B 147 -15.69 9.41 -11.19
CA GLY B 147 -14.41 9.35 -10.51
C GLY B 147 -13.69 10.68 -10.46
N CYS B 148 -12.61 10.76 -9.68
CA CYS B 148 -11.82 11.98 -9.54
C CYS B 148 -10.47 11.76 -10.09
N LEU B 149 -9.94 12.78 -10.73
CA LEU B 149 -8.61 12.72 -11.31
C LEU B 149 -7.80 13.70 -10.51
N VAL B 150 -6.73 13.21 -9.90
CA VAL B 150 -5.84 14.03 -9.10
C VAL B 150 -4.59 14.02 -9.91
N LYS B 151 -4.17 15.19 -10.37
CA LYS B 151 -3.02 15.28 -11.24
C LYS B 151 -1.97 16.29 -10.82
N GLY B 152 -0.72 16.00 -11.17
CA GLY B 152 0.41 16.88 -10.91
C GLY B 152 0.87 17.25 -9.51
N TYR B 153 0.87 16.30 -8.58
CA TYR B 153 1.30 16.59 -7.21
C TYR B 153 2.60 15.89 -6.86
N PHE B 154 3.21 16.34 -5.77
CA PHE B 154 4.45 15.77 -5.29
C PHE B 154 4.64 16.29 -3.90
N PRO B 155 5.02 15.42 -2.93
CA PRO B 155 5.28 13.98 -3.03
C PRO B 155 4.08 13.14 -2.62
N GLU B 156 4.26 11.82 -2.68
CA GLU B 156 3.20 10.93 -2.23
C GLU B 156 3.16 11.20 -0.74
N PRO B 157 2.04 10.92 -0.08
CA PRO B 157 0.80 10.36 -0.60
C PRO B 157 -0.33 11.39 -0.62
N VAL B 158 -1.45 10.98 -1.20
CA VAL B 158 -2.64 11.79 -1.28
C VAL B 158 -3.75 10.86 -0.78
N THR B 159 -4.79 11.43 -0.20
CA THR B 159 -5.86 10.64 0.35
C THR B 159 -7.16 11.13 -0.22
N VAL B 160 -7.86 10.23 -0.90
CA VAL B 160 -9.13 10.56 -1.51
C VAL B 160 -10.25 9.71 -0.93
N THR B 161 -11.36 10.33 -0.54
CA THR B 161 -12.50 9.58 -0.03
C THR B 161 -13.74 10.09 -0.76
N TRP B 162 -14.85 9.39 -0.68
CA TRP B 162 -16.03 9.88 -1.36
C TRP B 162 -17.10 10.23 -0.35
N ASN B 163 -17.67 11.42 -0.50
CA ASN B 163 -18.67 11.90 0.44
C ASN B 163 -18.06 11.67 1.83
N SER B 164 -16.81 12.07 1.99
CA SER B 164 -16.09 11.97 3.24
C SER B 164 -16.34 10.71 4.05
N GLY B 165 -15.99 9.55 3.51
CA GLY B 165 -16.17 8.30 4.24
C GLY B 165 -17.44 7.54 3.96
N SER B 166 -18.55 8.26 3.78
CA SER B 166 -19.87 7.66 3.54
C SER B 166 -19.93 6.64 2.42
N LEU B 167 -19.52 7.01 1.20
CA LEU B 167 -19.52 6.07 0.09
C LEU B 167 -18.26 5.20 0.21
N SER B 168 -18.41 4.08 0.92
CA SER B 168 -17.31 3.15 1.14
C SER B 168 -17.22 2.08 0.03
N SER B 169 -18.37 1.62 -0.45
CA SER B 169 -18.45 0.57 -1.48
C SER B 169 -18.27 1.02 -2.92
N GLY B 170 -17.88 0.10 -3.79
CA GLY B 170 -17.70 0.43 -5.19
C GLY B 170 -16.68 1.51 -5.49
N VAL B 171 -15.72 1.70 -4.58
CA VAL B 171 -14.67 2.72 -4.74
C VAL B 171 -13.34 2.09 -5.12
N HIS B 172 -12.65 2.68 -6.07
CA HIS B 172 -11.35 2.17 -6.47
C HIS B 172 -10.42 3.33 -6.51
N THR B 173 -9.26 3.19 -5.91
CA THR B 173 -8.33 4.29 -5.95
C THR B 173 -7.07 3.64 -6.51
N PHE B 174 -6.64 4.19 -7.64
CA PHE B 174 -5.51 3.65 -8.35
C PHE B 174 -4.19 4.28 -7.97
N PRO B 175 -3.17 3.45 -7.75
CA PRO B 175 -1.83 3.88 -7.40
C PRO B 175 -1.36 5.03 -8.23
N ALA B 176 -0.65 5.91 -7.57
CA ALA B 176 -0.12 7.07 -8.22
C ALA B 176 0.96 6.58 -9.12
N VAL B 177 0.93 7.04 -10.37
CA VAL B 177 1.94 6.71 -11.38
C VAL B 177 2.77 7.98 -11.52
N LEU B 178 4.00 7.87 -12.00
CA LEU B 178 4.87 9.05 -12.10
C LEU B 178 5.22 9.56 -13.50
N GLN B 179 5.10 10.88 -13.71
CA GLN B 179 5.42 11.49 -14.99
C GLN B 179 6.45 12.59 -14.78
N SER B 180 7.70 12.19 -14.61
CA SER B 180 8.77 13.13 -14.37
C SER B 180 8.50 14.05 -13.16
N ASP B 181 8.74 13.48 -11.99
CA ASP B 181 8.56 14.14 -10.71
C ASP B 181 7.17 14.71 -10.45
N LEU B 182 6.16 14.10 -11.09
CA LEU B 182 4.79 14.53 -10.86
C LEU B 182 3.78 13.40 -10.97
N TYR B 183 3.19 13.06 -9.83
CA TYR B 183 2.22 11.99 -9.77
C TYR B 183 0.89 12.34 -10.37
N THR B 184 0.11 11.31 -10.62
CA THR B 184 -1.24 11.43 -11.13
C THR B 184 -1.91 10.15 -10.62
N LEU B 185 -3.09 10.29 -10.06
CA LEU B 185 -3.82 9.18 -9.49
C LEU B 185 -5.30 9.38 -9.81
N SER B 186 -6.10 8.34 -9.68
CA SER B 186 -7.50 8.45 -9.98
C SER B 186 -8.22 7.59 -9.02
N SER B 187 -9.52 7.79 -8.92
CA SER B 187 -10.36 7.05 -8.02
C SER B 187 -11.69 7.06 -8.68
N SER B 188 -12.51 6.04 -8.43
CA SER B 188 -13.83 5.96 -9.03
C SER B 188 -14.81 5.36 -8.04
N VAL B 189 -16.08 5.74 -8.17
CA VAL B 189 -17.12 5.17 -7.33
C VAL B 189 -18.18 4.67 -8.28
N THR B 190 -18.78 3.54 -7.94
CA THR B 190 -19.83 3.02 -8.75
C THR B 190 -21.02 3.07 -7.81
N VAL B 191 -21.98 3.90 -8.20
CA VAL B 191 -23.20 4.19 -7.46
C VAL B 191 -24.41 4.01 -8.43
N PRO B 192 -25.51 3.39 -7.96
CA PRO B 192 -26.71 3.17 -8.78
C PRO B 192 -27.20 4.40 -9.50
N SER B 193 -27.78 4.20 -10.67
CA SER B 193 -28.28 5.29 -11.49
C SER B 193 -29.11 6.40 -10.85
N SER B 194 -29.81 6.10 -9.76
CA SER B 194 -30.58 7.15 -9.09
C SER B 194 -29.68 8.16 -8.32
N PRO B 195 -28.90 7.70 -7.30
CA PRO B 195 -28.00 8.54 -6.51
C PRO B 195 -27.00 9.44 -7.23
N ARG B 196 -27.33 9.81 -8.46
CA ARG B 196 -26.52 10.68 -9.26
C ARG B 196 -27.24 10.66 -10.60
N PRO B 197 -27.63 11.84 -11.11
CA PRO B 197 -27.38 13.11 -10.41
C PRO B 197 -28.36 13.51 -9.31
N SER B 198 -29.29 12.63 -8.94
CA SER B 198 -30.24 12.99 -7.89
C SER B 198 -29.59 13.45 -6.59
N GLU B 199 -28.66 12.66 -6.08
CA GLU B 199 -27.99 12.97 -4.83
C GLU B 199 -26.61 13.51 -5.10
N THR B 200 -25.90 13.89 -4.06
CA THR B 200 -24.59 14.47 -4.20
C THR B 200 -23.50 13.44 -4.11
N VAL B 201 -22.61 13.45 -5.11
CA VAL B 201 -21.45 12.56 -5.12
C VAL B 201 -20.26 13.48 -5.16
N THR B 202 -19.45 13.51 -4.10
CA THR B 202 -18.28 14.38 -3.98
C THR B 202 -17.05 13.62 -3.57
N CYS B 203 -15.92 13.95 -4.17
CA CYS B 203 -14.71 13.28 -3.78
C CYS B 203 -13.85 14.29 -3.04
N ASN B 204 -13.13 13.82 -2.01
CA ASN B 204 -12.29 14.69 -1.19
C ASN B 204 -10.85 14.24 -1.26
N VAL B 205 -9.97 14.99 -1.91
CA VAL B 205 -8.59 14.53 -1.90
C VAL B 205 -7.95 15.34 -0.80
N ALA B 206 -6.84 14.86 -0.25
CA ALA B 206 -6.14 15.57 0.81
C ALA B 206 -4.68 15.31 0.56
N HIS B 207 -3.88 16.36 0.52
CA HIS B 207 -2.47 16.16 0.25
C HIS B 207 -1.68 16.87 1.30
N PRO B 208 -1.44 16.21 2.44
CA PRO B 208 -0.70 16.67 3.61
C PRO B 208 0.56 17.51 3.38
N ALA B 209 1.47 17.03 2.56
CA ALA B 209 2.73 17.73 2.29
C ALA B 209 2.60 19.12 1.66
N SER B 210 1.43 19.73 1.72
CA SER B 210 1.22 21.04 1.14
C SER B 210 -0.12 21.54 1.63
N SER B 211 -0.60 20.91 2.70
CA SER B 211 -1.87 21.24 3.32
C SER B 211 -3.07 21.48 2.40
N THR B 212 -2.98 20.99 1.17
CA THR B 212 -4.07 21.12 0.25
C THR B 212 -5.09 20.11 0.72
N LYS B 213 -6.36 20.47 0.56
CA LYS B 213 -7.49 19.60 0.89
C LYS B 213 -8.62 20.16 0.01
N VAL B 214 -9.16 19.34 -0.88
CA VAL B 214 -10.20 19.85 -1.77
C VAL B 214 -11.26 18.81 -2.08
N ASP B 215 -12.52 19.17 -1.91
CA ASP B 215 -13.60 18.27 -2.26
C ASP B 215 -14.13 18.80 -3.59
N LYS B 216 -14.65 17.93 -4.44
CA LYS B 216 -15.19 18.31 -5.73
C LYS B 216 -16.47 17.52 -5.96
N LYS B 217 -17.51 18.19 -6.40
CA LYS B 217 -18.79 17.54 -6.64
C LYS B 217 -18.84 17.21 -8.14
N ILE B 218 -19.25 15.99 -8.46
CA ILE B 218 -19.33 15.54 -9.85
C ILE B 218 -20.68 16.02 -10.28
N VAL B 219 -20.67 16.93 -11.25
CA VAL B 219 -21.89 17.52 -11.79
C VAL B 219 -22.06 16.91 -13.17
N PRO B 220 -23.32 16.68 -13.60
CA PRO B 220 -23.55 16.11 -14.92
C PRO B 220 -22.93 17.05 -15.92
N ARG B 221 -22.23 16.49 -16.91
CA ARG B 221 -21.55 17.27 -17.94
C ARG B 221 -22.42 18.28 -18.67
N HIS C 8 24.49 -14.16 23.90
CA HIS C 8 23.30 -14.57 24.70
C HIS C 8 22.04 -14.40 23.82
N ILE C 9 21.07 -15.30 23.96
CA ILE C 9 19.90 -15.27 23.10
C ILE C 9 18.57 -15.39 23.82
N GLY C 10 17.53 -15.60 23.03
CA GLY C 10 16.20 -15.77 23.58
C GLY C 10 15.61 -14.43 23.95
N PRO C 11 14.46 -14.45 24.62
CA PRO C 11 13.74 -13.26 25.06
C PRO C 11 14.49 -12.66 26.25
N GLY C 12 14.16 -11.41 26.59
CA GLY C 12 14.82 -10.71 27.69
C GLY C 12 16.31 -10.55 27.51
N ARG C 13 16.79 -10.88 26.33
CA ARG C 13 18.20 -10.80 26.04
C ARG C 13 18.79 -9.40 26.09
N AIB C 14 18.08 -8.40 25.58
CA AIB C 14 18.62 -7.03 25.56
C AIB C 14 18.93 -6.54 26.96
O AIB C 14 19.99 -5.98 27.20
CB1 AIB C 14 17.64 -6.11 24.92
CB2 AIB C 14 19.90 -7.00 24.73
N PHE C 15 18.00 -6.75 27.89
CA PHE C 15 18.23 -6.30 29.27
C PHE C 15 18.81 -7.33 30.21
N TYR C 16 19.41 -8.36 29.63
CA TYR C 16 20.05 -9.40 30.39
C TYR C 16 20.98 -8.85 31.48
N THR C 17 21.44 -7.61 31.31
CA THR C 17 22.34 -6.99 32.27
C THR C 17 21.88 -5.62 32.81
#